data_9FKQ
#
_entry.id   9FKQ
#
_entity_poly.entity_id   1
_entity_poly.type   'polypeptide(L)'
_entity_poly.pdbx_seq_one_letter_code
;MKIEEGKLVIWINGDKGYNGLAEVGKKFEKDTGIKVTVEHPDKLEEKFPQVAATGDGPDIIFWAHDRFGGYAQSGLLAEI
TPDKAFQDKLYPFTWDAVRYNGKLIAYPIAVEALSLIYNKDLLPNPPKTWEEIPALDKELKAKGKSALMFNLQEPYFTWP
LIAADGGYAFKYENGKYDIKDVGVDNAGAKAGLTFLVDLIKNKHMNADTDYSIAEAAFNKGETAMTINGPWAWSNIDTSK
VNYGVTVLPTFKGQPSKPFVGVLSAGINAASPNKELAKEFLENYLLTDEGLEAVNKDKPLGAVALKSYEEELAKDPRIAA
TMENAQKGEIMPNIPQMSAFWYAVRTAVINAASGRQTVDEALKDAQTNSGGSHHHHHHSSGVDLGTENLYFQ
;
_entity_poly.pdbx_strand_id   A
#
# COMPACT_ATOMS: atom_id res chain seq x y z
N GLY A 6 17.49 5.80 28.67
CA GLY A 6 16.79 5.00 29.66
C GLY A 6 15.32 4.84 29.34
N LYS A 7 14.79 5.68 28.46
CA LYS A 7 13.38 5.66 28.11
C LYS A 7 13.25 5.54 26.60
N LEU A 8 12.01 5.35 26.16
CA LEU A 8 11.69 5.18 24.75
C LEU A 8 10.74 6.28 24.30
N VAL A 9 11.10 6.95 23.21
CA VAL A 9 10.28 7.99 22.58
C VAL A 9 9.93 7.51 21.18
N ILE A 10 8.63 7.43 20.89
CA ILE A 10 8.12 6.88 19.65
C ILE A 10 7.28 7.93 18.95
N TRP A 11 7.45 8.06 17.64
CA TRP A 11 6.66 8.97 16.81
C TRP A 11 5.86 8.15 15.80
N ILE A 12 4.57 8.48 15.68
CA ILE A 12 3.69 7.82 14.73
C ILE A 12 2.72 8.85 14.18
N ASN A 13 2.31 8.67 12.93
CA ASN A 13 1.45 9.64 12.28
C ASN A 13 0.11 9.75 13.02
N GLY A 14 -0.52 10.91 12.88
CA GLY A 14 -1.75 11.21 13.61
C GLY A 14 -2.96 10.41 13.16
N ASP A 15 -2.91 9.80 11.98
CA ASP A 15 -4.01 8.99 11.48
C ASP A 15 -3.93 7.54 11.94
N LYS A 16 -2.92 7.19 12.72
CA LYS A 16 -2.74 5.85 13.24
C LYS A 16 -3.24 5.77 14.67
N GLY A 17 -3.41 4.54 15.15
CA GLY A 17 -3.91 4.32 16.50
C GLY A 17 -2.83 4.55 17.54
N TYR A 18 -2.46 5.81 17.75
CA TYR A 18 -1.39 6.10 18.70
C TYR A 18 -1.80 5.80 20.13
N ASN A 19 -3.10 5.76 20.42
CA ASN A 19 -3.54 5.42 21.77
C ASN A 19 -3.33 3.95 22.07
N GLY A 20 -3.59 3.07 21.10
CA GLY A 20 -3.27 1.67 21.27
C GLY A 20 -1.78 1.43 21.43
N LEU A 21 -0.97 2.16 20.66
CA LEU A 21 0.47 2.09 20.82
C LEU A 21 0.90 2.57 22.19
N ALA A 22 0.23 3.61 22.71
CA ALA A 22 0.48 4.05 24.07
C ALA A 22 0.12 2.98 25.09
N GLU A 23 -0.97 2.25 24.85
CA GLU A 23 -1.31 1.14 25.75
C GLU A 23 -0.24 0.05 25.71
N VAL A 24 0.28 -0.26 24.52
CA VAL A 24 1.38 -1.23 24.43
C VAL A 24 2.60 -0.71 25.18
N GLY A 25 2.87 0.60 25.08
CA GLY A 25 3.96 1.18 25.84
C GLY A 25 3.74 1.07 27.34
N LYS A 26 2.49 1.24 27.78
CA LYS A 26 2.15 1.07 29.19
C LYS A 26 2.40 -0.37 29.64
N LYS A 27 2.05 -1.34 28.80
CA LYS A 27 2.34 -2.73 29.13
C LYS A 27 3.85 -2.97 29.22
N PHE A 28 4.61 -2.39 28.28
CA PHE A 28 6.06 -2.49 28.34
C PHE A 28 6.60 -1.89 29.63
N GLU A 29 6.06 -0.75 30.04
CA GLU A 29 6.47 -0.13 31.30
C GLU A 29 6.13 -1.01 32.48
N LYS A 30 4.95 -1.63 32.46
CA LYS A 30 4.57 -2.54 33.54
C LYS A 30 5.55 -3.70 33.65
N ASP A 31 5.91 -4.29 32.51
CA ASP A 31 6.78 -5.45 32.52
C ASP A 31 8.24 -5.11 32.81
N THR A 32 8.68 -3.90 32.45
CA THR A 32 10.07 -3.51 32.60
C THR A 32 10.29 -2.26 33.45
N GLY A 33 9.25 -1.44 33.67
CA GLY A 33 9.40 -0.17 34.34
C GLY A 33 9.88 0.96 33.45
N ILE A 34 10.11 0.70 32.16
CA ILE A 34 10.61 1.71 31.25
C ILE A 34 9.42 2.53 30.76
N LYS A 35 9.49 3.85 30.95
CA LYS A 35 8.42 4.73 30.49
C LYS A 35 8.51 4.88 28.98
N VAL A 36 7.38 4.65 28.31
CA VAL A 36 7.29 4.71 26.85
C VAL A 36 6.39 5.87 26.49
N THR A 37 6.92 6.83 25.73
CA THR A 37 6.18 8.05 25.38
C THR A 37 5.89 8.03 23.88
N VAL A 38 4.60 7.95 23.53
CA VAL A 38 4.15 7.93 22.15
C VAL A 38 3.63 9.31 21.80
N GLU A 39 4.09 9.84 20.66
CA GLU A 39 3.68 11.15 20.18
C GLU A 39 3.26 11.05 18.72
N HIS A 40 2.45 12.02 18.29
CA HIS A 40 2.02 12.14 16.90
C HIS A 40 2.32 13.57 16.45
N PRO A 41 3.58 13.91 16.22
CA PRO A 41 3.93 15.28 15.86
C PRO A 41 3.29 15.71 14.55
N ASP A 42 2.91 16.98 14.48
CA ASP A 42 2.43 17.54 13.24
C ASP A 42 3.56 17.60 12.21
N LYS A 43 3.20 17.36 10.95
CA LYS A 43 4.17 17.35 9.86
C LYS A 43 5.27 16.32 10.12
N LEU A 44 4.88 15.14 10.60
CA LEU A 44 5.85 14.12 10.96
C LEU A 44 6.70 13.69 9.78
N GLU A 45 6.09 13.56 8.59
CA GLU A 45 6.83 13.06 7.44
C GLU A 45 8.11 13.85 7.22
N GLU A 46 8.00 15.17 7.15
CA GLU A 46 9.18 16.03 7.06
C GLU A 46 9.89 16.18 8.40
N LYS A 47 9.14 16.25 9.50
CA LYS A 47 9.76 16.56 10.79
C LYS A 47 10.82 15.53 11.16
N PHE A 48 10.55 14.25 10.95
CA PHE A 48 11.50 13.23 11.38
C PHE A 48 12.88 13.39 10.75
N PRO A 49 13.02 13.51 9.43
CA PRO A 49 14.37 13.59 8.86
C PRO A 49 15.18 14.78 9.35
N GLN A 50 14.58 15.96 9.48
CA GLN A 50 15.36 17.14 9.88
C GLN A 50 15.89 16.97 11.30
N VAL A 51 15.05 16.49 12.22
CA VAL A 51 15.51 16.31 13.60
C VAL A 51 16.51 15.17 13.68
N ALA A 52 16.29 14.08 12.92
CA ALA A 52 17.20 12.95 12.95
C ALA A 52 18.57 13.32 12.39
N ALA A 53 18.62 14.23 11.42
CA ALA A 53 19.90 14.63 10.85
C ALA A 53 20.82 15.28 11.87
N THR A 54 20.28 15.81 12.97
CA THR A 54 21.06 16.46 14.00
C THR A 54 21.34 15.54 15.19
N GLY A 55 21.09 14.24 15.06
CA GLY A 55 21.30 13.33 16.16
C GLY A 55 20.22 13.37 17.21
N ASP A 56 19.06 13.95 16.90
CA ASP A 56 17.93 14.03 17.82
C ASP A 56 16.74 13.28 17.22
N GLY A 57 15.59 13.41 17.87
CA GLY A 57 14.38 12.76 17.42
C GLY A 57 14.00 11.57 18.26
N PRO A 58 12.99 10.82 17.81
CA PRO A 58 12.51 9.69 18.60
C PRO A 58 13.42 8.49 18.51
N ASP A 59 13.19 7.54 19.41
CA ASP A 59 13.92 6.27 19.35
C ASP A 59 13.37 5.37 18.25
N ILE A 60 12.05 5.42 18.04
CA ILE A 60 11.37 4.59 17.03
C ILE A 60 10.50 5.51 16.19
N ILE A 61 10.48 5.26 14.88
CA ILE A 61 9.70 6.04 13.93
C ILE A 61 8.83 5.11 13.12
N PHE A 62 7.55 5.44 13.00
CA PHE A 62 6.59 4.64 12.25
C PHE A 62 6.25 5.34 10.94
N TRP A 63 6.39 4.64 9.82
CA TRP A 63 6.04 5.24 8.54
C TRP A 63 6.08 4.18 7.45
N ALA A 64 5.58 4.57 6.27
CA ALA A 64 5.64 3.68 5.12
C ALA A 64 7.09 3.36 4.78
N HIS A 65 7.32 2.10 4.38
CA HIS A 65 8.69 1.66 4.12
C HIS A 65 9.35 2.45 3.01
N ASP A 66 8.56 2.94 2.04
CA ASP A 66 9.14 3.58 0.87
C ASP A 66 10.05 4.75 1.24
N ARG A 67 9.65 5.57 2.23
CA ARG A 67 10.52 6.65 2.67
C ARG A 67 11.75 6.15 3.39
N PHE A 68 11.63 5.09 4.19
CA PHE A 68 12.73 4.65 5.03
C PHE A 68 14.00 4.40 4.24
N GLY A 69 13.88 3.92 2.99
CA GLY A 69 15.08 3.71 2.20
C GLY A 69 15.94 4.95 2.13
N GLY A 70 15.33 6.09 1.80
CA GLY A 70 16.07 7.34 1.84
C GLY A 70 16.66 7.62 3.20
N TYR A 71 15.86 7.41 4.25
CA TYR A 71 16.37 7.60 5.61
C TYR A 71 17.56 6.67 5.86
N ALA A 72 17.57 5.50 5.23
CA ALA A 72 18.71 4.61 5.38
C ALA A 72 19.93 5.13 4.64
N GLN A 73 19.71 5.79 3.49
CA GLN A 73 20.84 6.33 2.73
C GLN A 73 21.51 7.46 3.48
N SER A 74 20.73 8.23 4.24
CA SER A 74 21.28 9.34 5.01
C SER A 74 21.85 8.90 6.35
N GLY A 75 21.75 7.62 6.69
CA GLY A 75 22.26 7.14 7.96
C GLY A 75 21.38 7.45 9.14
N LEU A 76 20.09 7.70 8.92
CA LEU A 76 19.17 8.03 9.99
C LEU A 76 18.52 6.81 10.64
N LEU A 77 18.75 5.62 10.09
CA LEU A 77 18.13 4.39 10.58
C LEU A 77 19.21 3.36 10.90
N ALA A 78 19.03 2.67 12.02
CA ALA A 78 19.97 1.64 12.43
C ALA A 78 19.54 0.28 11.94
N GLU A 79 20.52 -0.57 11.65
CA GLU A 79 20.24 -1.93 11.22
C GLU A 79 19.61 -2.73 12.35
N ILE A 80 18.51 -3.42 12.05
CA ILE A 80 17.86 -4.28 13.02
C ILE A 80 18.46 -5.68 12.92
N THR A 81 18.39 -6.43 14.03
CA THR A 81 19.01 -7.76 14.11
C THR A 81 18.02 -8.80 14.60
N PRO A 82 16.95 -9.05 13.83
CA PRO A 82 16.02 -10.11 14.22
C PRO A 82 16.56 -11.49 13.84
N ASP A 83 16.37 -12.44 14.76
CA ASP A 83 16.84 -13.80 14.53
CA ASP A 83 16.83 -13.80 14.52
C ASP A 83 15.90 -14.53 13.56
N LYS A 84 16.33 -15.73 13.16
CA LYS A 84 15.53 -16.51 12.21
C LYS A 84 14.14 -16.83 12.78
N ALA A 85 14.08 -17.14 14.07
CA ALA A 85 12.79 -17.49 14.67
C ALA A 85 11.81 -16.34 14.56
N PHE A 86 12.27 -15.11 14.83
CA PHE A 86 11.36 -13.97 14.73
C PHE A 86 11.06 -13.62 13.28
N GLN A 87 12.05 -13.73 12.39
CA GLN A 87 11.82 -13.46 10.98
C GLN A 87 10.77 -14.41 10.41
N ASP A 88 10.72 -15.64 10.93
CA ASP A 88 9.72 -16.60 10.47
C ASP A 88 8.31 -16.22 10.90
N LYS A 89 8.16 -15.30 11.86
CA LYS A 89 6.84 -14.89 12.32
C LYS A 89 6.14 -13.91 11.38
N LEU A 90 6.87 -13.32 10.44
CA LEU A 90 6.32 -12.35 9.51
C LEU A 90 6.45 -12.87 8.08
N TYR A 91 5.55 -12.41 7.22
CA TYR A 91 5.58 -12.85 5.83
C TYR A 91 6.86 -12.38 5.15
N PRO A 92 7.53 -13.23 4.36
CA PRO A 92 8.80 -12.80 3.75
C PRO A 92 8.70 -11.54 2.91
N PHE A 93 7.59 -11.37 2.18
CA PHE A 93 7.47 -10.19 1.31
C PHE A 93 7.40 -8.91 2.12
N THR A 94 6.94 -8.97 3.37
CA THR A 94 7.01 -7.79 4.24
C THR A 94 8.44 -7.47 4.63
N TRP A 95 9.26 -8.49 4.90
CA TRP A 95 10.68 -8.26 5.13
C TRP A 95 11.36 -7.67 3.91
N ASP A 96 10.95 -8.13 2.71
CA ASP A 96 11.55 -7.59 1.48
C ASP A 96 11.35 -6.09 1.39
N ALA A 97 10.28 -5.57 1.98
CA ALA A 97 9.98 -4.14 1.88
C ALA A 97 10.87 -3.29 2.78
N VAL A 98 11.49 -3.87 3.79
CA VAL A 98 12.30 -3.12 4.76
C VAL A 98 13.79 -3.40 4.57
N ARG A 99 14.20 -3.77 3.37
CA ARG A 99 15.59 -4.06 3.06
C ARG A 99 16.19 -2.94 2.22
N TYR A 100 17.31 -2.39 2.68
CA TYR A 100 18.02 -1.37 1.91
C TYR A 100 19.51 -1.66 1.99
N ASN A 101 20.17 -1.67 0.82
CA ASN A 101 21.61 -1.95 0.73
C ASN A 101 21.92 -3.29 1.42
N GLY A 102 21.01 -4.25 1.26
CA GLY A 102 21.24 -5.59 1.78
C GLY A 102 21.01 -5.75 3.27
N LYS A 103 20.63 -4.69 3.98
CA LYS A 103 20.43 -4.74 5.42
C LYS A 103 18.99 -4.40 5.78
N LEU A 104 18.49 -5.07 6.82
CA LEU A 104 17.18 -4.76 7.37
C LEU A 104 17.26 -3.46 8.17
N ILE A 105 16.34 -2.53 7.91
CA ILE A 105 16.37 -1.20 8.50
C ILE A 105 15.09 -0.88 9.27
N ALA A 106 14.10 -1.76 9.23
CA ALA A 106 12.84 -1.50 9.92
C ALA A 106 12.12 -2.82 10.13
N TYR A 107 11.16 -2.79 11.07
CA TYR A 107 10.31 -3.94 11.35
C TYR A 107 8.96 -3.76 10.68
N PRO A 108 8.56 -4.62 9.74
CA PRO A 108 7.23 -4.47 9.14
C PRO A 108 6.13 -4.56 10.18
N ILE A 109 5.11 -3.72 10.02
CA ILE A 109 4.00 -3.66 10.97
C ILE A 109 2.71 -3.99 10.25
N ALA A 110 2.36 -3.21 9.23
CA ALA A 110 1.09 -3.37 8.54
C ALA A 110 1.30 -3.35 7.03
N VAL A 111 0.39 -4.03 6.33
CA VAL A 111 0.43 -4.15 4.87
C VAL A 111 -0.83 -3.48 4.31
N GLU A 112 -0.67 -2.76 3.21
CA GLU A 112 -1.75 -1.98 2.61
C GLU A 112 -1.65 -2.07 1.10
N ALA A 113 -2.78 -2.32 0.45
CA ALA A 113 -2.83 -2.43 -1.01
C ALA A 113 -4.26 -2.22 -1.48
N LEU A 114 -4.40 -1.94 -2.77
CA LEU A 114 -5.71 -1.73 -3.37
C LEU A 114 -6.46 -3.04 -3.49
N SER A 115 -7.79 -2.94 -3.54
CA SER A 115 -8.66 -4.09 -3.68
C SER A 115 -9.90 -3.69 -4.47
N LEU A 116 -10.58 -4.68 -5.03
CA LEU A 116 -11.78 -4.45 -5.84
C LEU A 116 -13.00 -4.44 -4.92
N ILE A 117 -13.68 -3.30 -4.85
CA ILE A 117 -14.86 -3.12 -4.01
C ILE A 117 -16.08 -3.18 -4.93
N TYR A 118 -16.96 -4.14 -4.68
CA TYR A 118 -18.09 -4.40 -5.55
C TYR A 118 -19.38 -4.31 -4.76
N ASN A 119 -20.45 -3.89 -5.44
CA ASN A 119 -21.77 -3.79 -4.85
C ASN A 119 -22.46 -5.14 -4.97
N LYS A 120 -22.72 -5.78 -3.82
CA LYS A 120 -23.33 -7.11 -3.84
C LYS A 120 -24.73 -7.09 -4.44
N ASP A 121 -25.51 -6.05 -4.14
CA ASP A 121 -26.86 -5.96 -4.69
C ASP A 121 -26.84 -5.90 -6.20
N LEU A 122 -25.93 -5.10 -6.78
CA LEU A 122 -25.83 -4.99 -8.22
C LEU A 122 -25.01 -6.11 -8.83
N LEU A 123 -24.04 -6.65 -8.10
CA LEU A 123 -23.07 -7.60 -8.64
C LEU A 123 -22.72 -8.62 -7.58
N PRO A 124 -23.59 -9.62 -7.36
CA PRO A 124 -23.27 -10.65 -6.35
C PRO A 124 -22.00 -11.41 -6.66
N ASN A 125 -21.65 -11.60 -7.93
CA ASN A 125 -20.49 -12.39 -8.35
C ASN A 125 -19.56 -11.48 -9.15
N PRO A 126 -18.59 -10.83 -8.50
CA PRO A 126 -17.70 -9.94 -9.25
C PRO A 126 -16.87 -10.71 -10.26
N PRO A 127 -16.52 -10.10 -11.38
CA PRO A 127 -15.69 -10.80 -12.37
C PRO A 127 -14.30 -11.09 -11.85
N LYS A 128 -13.73 -12.21 -12.32
CA LYS A 128 -12.38 -12.58 -11.92
C LYS A 128 -11.32 -12.10 -12.91
N THR A 129 -11.73 -11.56 -14.06
CA THR A 129 -10.80 -11.11 -15.09
C THR A 129 -11.19 -9.72 -15.56
N TRP A 130 -10.18 -8.97 -16.00
CA TRP A 130 -10.44 -7.66 -16.60
C TRP A 130 -11.24 -7.78 -17.88
N GLU A 131 -10.98 -8.82 -18.68
CA GLU A 131 -11.65 -8.99 -19.95
C GLU A 131 -13.16 -9.13 -19.81
N GLU A 132 -13.64 -9.54 -18.62
CA GLU A 132 -15.08 -9.66 -18.40
C GLU A 132 -15.74 -8.30 -18.24
N ILE A 133 -14.97 -7.28 -17.81
CA ILE A 133 -15.58 -5.98 -17.51
C ILE A 133 -16.25 -5.37 -18.72
N PRO A 134 -15.65 -5.32 -19.91
CA PRO A 134 -16.29 -4.61 -21.02
C PRO A 134 -17.67 -5.14 -21.37
N ALA A 135 -17.86 -6.46 -21.32
CA ALA A 135 -19.19 -7.03 -21.52
C ALA A 135 -20.09 -6.84 -20.31
N LEU A 136 -19.56 -7.08 -19.10
CA LEU A 136 -20.36 -6.91 -17.89
C LEU A 136 -20.94 -5.51 -17.80
N ASP A 137 -20.18 -4.50 -18.24
CA ASP A 137 -20.70 -3.14 -18.27
C ASP A 137 -21.91 -3.01 -19.19
N LYS A 138 -21.84 -3.61 -20.38
CA LYS A 138 -22.95 -3.51 -21.33
C LYS A 138 -24.26 -3.95 -20.68
N GLU A 139 -24.20 -5.01 -19.86
CA GLU A 139 -25.39 -5.44 -19.14
C GLU A 139 -25.88 -4.35 -18.19
N LEU A 140 -24.99 -3.84 -17.34
CA LEU A 140 -25.40 -2.88 -16.33
C LEU A 140 -25.86 -1.57 -16.97
N LYS A 141 -25.29 -1.20 -18.11
CA LYS A 141 -25.78 -0.01 -18.81
C LYS A 141 -27.22 -0.18 -19.24
N ALA A 142 -27.66 -1.41 -19.52
CA ALA A 142 -29.05 -1.64 -19.85
C ALA A 142 -29.96 -1.35 -18.66
N LYS A 143 -29.42 -1.36 -17.44
CA LYS A 143 -30.18 -1.06 -16.24
C LYS A 143 -29.84 0.32 -15.67
N GLY A 144 -29.17 1.16 -16.47
CA GLY A 144 -28.83 2.49 -16.00
C GLY A 144 -27.69 2.56 -15.02
N LYS A 145 -26.81 1.56 -15.01
CA LYS A 145 -25.68 1.50 -14.10
C LYS A 145 -24.39 1.32 -14.90
N SER A 146 -23.27 1.31 -14.19
CA SER A 146 -21.95 1.12 -14.79
C SER A 146 -21.19 0.07 -14.01
N ALA A 147 -20.38 -0.70 -14.72
CA ALA A 147 -19.65 -1.81 -14.10
C ALA A 147 -18.57 -1.31 -13.15
N LEU A 148 -17.75 -0.37 -13.59
CA LEU A 148 -16.55 0.00 -12.83
C LEU A 148 -16.29 1.49 -12.95
N MET A 149 -15.89 2.11 -11.85
CA MET A 149 -15.44 3.50 -11.84
C MET A 149 -14.40 3.66 -10.74
N PHE A 150 -13.18 4.03 -11.12
CA PHE A 150 -12.12 4.24 -10.15
C PHE A 150 -11.19 5.34 -10.64
N ASN A 151 -10.41 5.89 -9.71
CA ASN A 151 -9.54 7.02 -10.00
C ASN A 151 -8.54 6.70 -11.09
N LEU A 152 -8.64 7.40 -12.22
CA LEU A 152 -7.71 7.26 -13.33
C LEU A 152 -6.67 8.37 -13.36
N GLN A 153 -6.80 9.39 -12.51
CA GLN A 153 -5.90 10.53 -12.53
C GLN A 153 -4.54 10.21 -11.88
N GLU A 154 -4.45 9.16 -11.07
CA GLU A 154 -3.22 8.83 -10.38
C GLU A 154 -2.68 7.51 -10.90
N PRO A 155 -1.38 7.43 -11.22
CA PRO A 155 -0.82 6.13 -11.64
C PRO A 155 -0.95 5.06 -10.58
N TYR A 156 -1.05 5.45 -9.31
CA TYR A 156 -1.17 4.47 -8.24
C TYR A 156 -2.39 3.58 -8.44
N PHE A 157 -3.39 4.08 -9.15
CA PHE A 157 -4.63 3.33 -9.36
C PHE A 157 -4.64 2.57 -10.69
N THR A 158 -3.96 3.08 -11.71
CA THR A 158 -3.96 2.44 -13.02
C THR A 158 -2.83 1.44 -13.20
N TRP A 159 -1.77 1.54 -12.40
CA TRP A 159 -0.64 0.62 -12.54
C TRP A 159 -1.03 -0.85 -12.40
N PRO A 160 -1.92 -1.25 -11.48
CA PRO A 160 -2.22 -2.68 -11.35
C PRO A 160 -2.62 -3.34 -12.66
N LEU A 161 -3.43 -2.68 -13.48
CA LEU A 161 -3.81 -3.23 -14.77
C LEU A 161 -2.67 -3.11 -15.78
N ILE A 162 -1.96 -1.98 -15.74
CA ILE A 162 -0.90 -1.75 -16.73
C ILE A 162 0.22 -2.78 -16.57
N ALA A 163 0.66 -3.02 -15.34
CA ALA A 163 1.79 -3.89 -15.07
C ALA A 163 1.39 -5.32 -14.72
N ALA A 164 0.17 -5.72 -15.08
CA ALA A 164 -0.28 -7.08 -14.74
C ALA A 164 0.55 -8.14 -15.45
N ASP A 165 0.89 -7.89 -16.72
CA ASP A 165 1.50 -8.91 -17.58
C ASP A 165 2.95 -8.60 -17.91
N GLY A 166 3.70 -7.98 -16.99
CA GLY A 166 5.12 -7.78 -17.21
C GLY A 166 5.66 -6.44 -16.76
N GLY A 167 4.78 -5.46 -16.60
CA GLY A 167 5.22 -4.13 -16.21
C GLY A 167 5.84 -4.11 -14.82
N TYR A 168 6.78 -3.19 -14.64
CA TYR A 168 7.39 -2.98 -13.34
C TYR A 168 8.09 -1.63 -13.34
N ALA A 169 8.23 -1.05 -12.14
CA ALA A 169 8.85 0.25 -12.00
C ALA A 169 10.37 0.14 -12.12
N PHE A 170 10.99 -0.63 -11.23
CA PHE A 170 12.43 -0.85 -11.24
C PHE A 170 12.71 -2.32 -10.96
N LYS A 171 13.63 -2.90 -11.73
CA LYS A 171 14.03 -4.28 -11.50
C LYS A 171 14.59 -4.42 -10.09
N TYR A 172 14.17 -5.48 -9.41
CA TYR A 172 14.56 -5.72 -8.01
C TYR A 172 15.20 -7.10 -7.92
N GLU A 173 16.43 -7.15 -7.44
CA GLU A 173 17.14 -8.41 -7.28
C GLU A 173 18.24 -8.25 -6.25
N ASN A 174 18.49 -9.31 -5.49
CA ASN A 174 19.50 -9.30 -4.43
C ASN A 174 19.27 -8.14 -3.47
N GLY A 175 17.99 -7.85 -3.19
CA GLY A 175 17.66 -6.74 -2.31
C GLY A 175 18.16 -5.41 -2.82
N LYS A 176 18.16 -5.20 -4.13
CA LYS A 176 18.70 -3.98 -4.73
C LYS A 176 17.87 -3.63 -5.95
N TYR A 177 17.59 -2.33 -6.11
CA TYR A 177 16.86 -1.83 -7.26
C TYR A 177 17.83 -1.34 -8.32
N ASP A 178 17.66 -1.82 -9.55
CA ASP A 178 18.47 -1.40 -10.68
C ASP A 178 17.77 -0.23 -11.35
N ILE A 179 18.23 0.99 -11.04
CA ILE A 179 17.61 2.19 -11.59
C ILE A 179 17.74 2.29 -13.10
N LYS A 180 18.68 1.55 -13.70
CA LYS A 180 18.83 1.53 -15.14
C LYS A 180 17.95 0.48 -15.81
N ASP A 181 17.23 -0.32 -15.04
CA ASP A 181 16.33 -1.35 -15.57
C ASP A 181 14.92 -0.97 -15.14
N VAL A 182 14.18 -0.33 -16.05
CA VAL A 182 12.81 0.09 -15.82
C VAL A 182 11.93 -0.54 -16.90
N GLY A 183 10.86 -1.20 -16.47
CA GLY A 183 10.01 -1.94 -17.38
C GLY A 183 8.72 -1.21 -17.74
N VAL A 184 8.82 0.10 -17.96
CA VAL A 184 7.65 0.91 -18.26
C VAL A 184 7.11 0.57 -19.64
N ASP A 185 8.00 0.45 -20.63
CA ASP A 185 7.61 0.31 -22.03
C ASP A 185 7.80 -1.11 -22.55
N ASN A 186 7.67 -2.11 -21.69
CA ASN A 186 7.75 -3.50 -22.13
C ASN A 186 6.39 -3.95 -22.65
N ALA A 187 6.35 -5.19 -23.15
CA ALA A 187 5.13 -5.69 -23.80
C ALA A 187 3.96 -5.72 -22.83
N GLY A 188 4.19 -6.16 -21.59
CA GLY A 188 3.10 -6.24 -20.63
C GLY A 188 2.46 -4.89 -20.35
N ALA A 189 3.28 -3.86 -20.14
CA ALA A 189 2.75 -2.52 -19.89
C ALA A 189 1.99 -2.01 -21.11
N LYS A 190 2.52 -2.25 -22.31
CA LYS A 190 1.82 -1.84 -23.52
C LYS A 190 0.45 -2.50 -23.60
N ALA A 191 0.37 -3.81 -23.35
CA ALA A 191 -0.91 -4.49 -23.40
C ALA A 191 -1.87 -3.97 -22.35
N GLY A 192 -1.37 -3.74 -21.13
CA GLY A 192 -2.25 -3.25 -20.07
C GLY A 192 -2.83 -1.89 -20.37
N LEU A 193 -1.99 -0.94 -20.79
CA LEU A 193 -2.52 0.38 -21.12
C LEU A 193 -3.35 0.36 -22.39
N THR A 194 -3.06 -0.56 -23.31
CA THR A 194 -3.92 -0.72 -24.47
C THR A 194 -5.31 -1.15 -24.05
N PHE A 195 -5.40 -2.09 -23.11
CA PHE A 195 -6.70 -2.50 -22.59
C PHE A 195 -7.40 -1.34 -21.89
N LEU A 196 -6.65 -0.56 -21.11
CA LEU A 196 -7.27 0.56 -20.40
C LEU A 196 -7.82 1.60 -21.37
N VAL A 197 -7.03 1.97 -22.38
CA VAL A 197 -7.48 2.96 -23.35
C VAL A 197 -8.61 2.40 -24.20
N ASP A 198 -8.62 1.08 -24.44
CA ASP A 198 -9.76 0.48 -25.13
C ASP A 198 -11.02 0.60 -24.29
N LEU A 199 -10.90 0.37 -22.98
CA LEU A 199 -12.05 0.56 -22.09
C LEU A 199 -12.55 2.00 -22.16
N ILE A 200 -11.62 2.95 -22.16
CA ILE A 200 -12.02 4.35 -22.26
C ILE A 200 -12.73 4.62 -23.59
N LYS A 201 -12.17 4.09 -24.69
CA LYS A 201 -12.72 4.36 -26.01
C LYS A 201 -14.12 3.79 -26.16
N ASN A 202 -14.33 2.57 -25.68
CA ASN A 202 -15.62 1.90 -25.79
C ASN A 202 -16.66 2.45 -24.81
N LYS A 203 -16.33 3.54 -24.11
CA LYS A 203 -17.25 4.22 -23.19
C LYS A 203 -17.62 3.37 -21.99
N HIS A 204 -16.91 2.27 -21.76
CA HIS A 204 -17.06 1.55 -20.49
C HIS A 204 -16.43 2.31 -19.33
N MET A 205 -15.64 3.34 -19.62
CA MET A 205 -14.97 4.13 -18.62
C MET A 205 -14.76 5.54 -19.17
N ASN A 206 -14.64 6.51 -18.27
CA ASN A 206 -14.44 7.91 -18.65
C ASN A 206 -13.04 8.35 -18.24
N ALA A 207 -12.35 9.02 -19.15
CA ALA A 207 -10.98 9.46 -18.88
C ALA A 207 -10.91 10.50 -17.77
N ASP A 208 -11.96 11.31 -17.60
CA ASP A 208 -11.96 12.38 -16.62
C ASP A 208 -12.34 11.90 -15.22
N THR A 209 -12.71 10.64 -15.06
CA THR A 209 -13.06 10.12 -13.75
C THR A 209 -11.87 10.24 -12.81
N ASP A 210 -12.12 10.75 -11.60
CA ASP A 210 -11.09 10.89 -10.58
C ASP A 210 -11.58 10.25 -9.28
N TYR A 211 -10.83 10.47 -8.20
CA TYR A 211 -11.18 9.86 -6.92
C TYR A 211 -12.56 10.30 -6.46
N SER A 212 -12.84 11.60 -6.51
CA SER A 212 -14.12 12.09 -6.00
CA SER A 212 -14.12 12.10 -6.00
C SER A 212 -15.29 11.54 -6.81
N ILE A 213 -15.17 11.54 -8.14
CA ILE A 213 -16.27 11.06 -8.98
C ILE A 213 -16.52 9.58 -8.74
N ALA A 214 -15.45 8.77 -8.70
CA ALA A 214 -15.61 7.34 -8.49
C ALA A 214 -16.20 7.06 -7.11
N GLU A 215 -15.71 7.75 -6.08
CA GLU A 215 -16.22 7.54 -4.74
C GLU A 215 -17.69 7.90 -4.64
N ALA A 216 -18.08 9.03 -5.21
CA ALA A 216 -19.49 9.44 -5.18
C ALA A 216 -20.36 8.46 -5.97
N ALA A 217 -19.87 7.99 -7.13
CA ALA A 217 -20.66 7.07 -7.94
C ALA A 217 -20.87 5.75 -7.22
N PHE A 218 -19.81 5.19 -6.63
CA PHE A 218 -19.96 3.89 -5.96
C PHE A 218 -20.79 4.02 -4.69
N ASN A 219 -20.52 5.04 -3.87
CA ASN A 219 -21.22 5.17 -2.60
C ASN A 219 -22.69 5.51 -2.79
N LYS A 220 -23.10 5.98 -3.96
CA LYS A 220 -24.49 6.26 -4.26
C LYS A 220 -25.17 5.13 -5.02
N GLY A 221 -24.47 4.02 -5.22
CA GLY A 221 -25.06 2.89 -5.91
C GLY A 221 -25.20 3.05 -7.40
N GLU A 222 -24.42 3.95 -8.01
CA GLU A 222 -24.50 4.19 -9.44
C GLU A 222 -23.60 3.26 -10.25
N THR A 223 -22.48 2.83 -9.69
CA THR A 223 -21.56 1.92 -10.36
C THR A 223 -21.40 0.66 -9.53
N ALA A 224 -21.28 -0.48 -10.22
CA ALA A 224 -21.22 -1.77 -9.55
C ALA A 224 -19.88 -2.03 -8.86
N MET A 225 -18.79 -1.46 -9.37
CA MET A 225 -17.46 -1.76 -8.86
C MET A 225 -16.60 -0.51 -8.83
N THR A 226 -15.56 -0.57 -8.00
CA THR A 226 -14.51 0.43 -7.94
C THR A 226 -13.25 -0.25 -7.42
N ILE A 227 -12.13 0.47 -7.46
CA ILE A 227 -10.86 -0.03 -6.97
C ILE A 227 -10.34 0.94 -5.92
N ASN A 228 -10.14 0.45 -4.71
CA ASN A 228 -9.74 1.34 -3.61
C ASN A 228 -9.13 0.52 -2.49
N GLY A 229 -8.44 1.22 -1.59
CA GLY A 229 -7.81 0.61 -0.45
C GLY A 229 -8.65 0.73 0.81
N PRO A 230 -8.09 0.31 1.95
CA PRO A 230 -8.87 0.33 3.20
C PRO A 230 -9.35 1.71 3.61
N TRP A 231 -8.60 2.78 3.28
CA TRP A 231 -8.95 4.10 3.76
C TRP A 231 -10.36 4.52 3.38
N ALA A 232 -10.89 4.02 2.28
CA ALA A 232 -12.23 4.39 1.83
C ALA A 232 -13.33 3.57 2.50
N TRP A 233 -13.00 2.42 3.09
CA TRP A 233 -14.03 1.56 3.65
C TRP A 233 -14.97 2.32 4.58
N SER A 234 -14.42 3.14 5.48
CA SER A 234 -15.26 3.87 6.42
C SER A 234 -16.35 4.64 5.68
N ASN A 235 -15.99 5.40 4.64
CA ASN A 235 -16.99 6.15 3.91
C ASN A 235 -18.08 5.22 3.37
N ILE A 236 -17.69 4.08 2.79
CA ILE A 236 -18.69 3.17 2.26
C ILE A 236 -19.61 2.69 3.38
N ASP A 237 -19.06 2.46 4.57
CA ASP A 237 -19.89 2.05 5.69
C ASP A 237 -20.95 3.10 5.98
N THR A 238 -20.59 4.38 5.87
CA THR A 238 -21.57 5.44 6.09
C THR A 238 -22.63 5.45 4.99
N SER A 239 -22.27 5.00 3.79
CA SER A 239 -23.21 5.01 2.67
CA SER A 239 -23.20 5.00 2.66
C SER A 239 -24.22 3.86 2.74
N LYS A 240 -23.99 2.87 3.59
CA LYS A 240 -24.88 1.72 3.75
C LYS A 240 -25.00 0.89 2.46
N VAL A 241 -23.99 0.97 1.59
CA VAL A 241 -23.98 0.12 0.41
C VAL A 241 -23.58 -1.29 0.82
N ASN A 242 -24.32 -2.29 0.35
CA ASN A 242 -24.02 -3.69 0.66
C ASN A 242 -22.84 -4.10 -0.22
N TYR A 243 -21.64 -3.82 0.26
CA TYR A 243 -20.42 -3.94 -0.53
C TYR A 243 -19.54 -5.06 -0.01
N GLY A 244 -18.70 -5.58 -0.93
CA GLY A 244 -17.68 -6.53 -0.57
C GLY A 244 -16.35 -6.14 -1.19
N VAL A 245 -15.27 -6.62 -0.56
CA VAL A 245 -13.91 -6.34 -1.01
C VAL A 245 -13.28 -7.67 -1.41
N THR A 246 -12.68 -7.71 -2.60
CA THR A 246 -12.13 -8.94 -3.13
C THR A 246 -10.89 -8.62 -3.96
N VAL A 247 -10.33 -9.68 -4.57
CA VAL A 247 -9.09 -9.56 -5.31
C VAL A 247 -9.31 -8.73 -6.57
N LEU A 248 -8.25 -8.10 -7.05
CA LEU A 248 -8.32 -7.35 -8.29
C LEU A 248 -8.45 -8.31 -9.47
N PRO A 249 -9.16 -7.93 -10.54
CA PRO A 249 -9.29 -8.84 -11.69
C PRO A 249 -7.95 -9.13 -12.35
N THR A 250 -7.83 -10.32 -12.90
CA THR A 250 -6.63 -10.74 -13.61
C THR A 250 -6.66 -10.23 -15.05
N PHE A 251 -5.47 -10.07 -15.61
CA PHE A 251 -5.30 -9.65 -17.00
C PHE A 251 -4.44 -10.68 -17.72
N LYS A 252 -4.98 -11.26 -18.79
CA LYS A 252 -4.30 -12.32 -19.53
C LYS A 252 -3.95 -13.49 -18.60
N GLY A 253 -4.74 -13.68 -17.55
CA GLY A 253 -4.49 -14.73 -16.59
C GLY A 253 -3.50 -14.38 -15.50
N GLN A 254 -2.91 -13.16 -15.52
CA GLN A 254 -1.95 -12.78 -14.50
C GLN A 254 -2.58 -11.83 -13.49
N PRO A 255 -2.23 -11.96 -12.20
CA PRO A 255 -2.84 -11.09 -11.19
C PRO A 255 -2.46 -9.62 -11.41
N SER A 256 -3.38 -8.73 -11.05
CA SER A 256 -3.06 -7.31 -11.02
C SER A 256 -2.04 -7.04 -9.93
N LYS A 257 -1.10 -6.14 -10.22
CA LYS A 257 0.06 -5.88 -9.35
C LYS A 257 -0.06 -4.48 -8.78
N PRO A 258 -0.90 -4.27 -7.77
CA PRO A 258 -0.95 -2.96 -7.11
C PRO A 258 0.27 -2.71 -6.25
N PHE A 259 0.59 -1.43 -6.07
CA PHE A 259 1.68 -1.06 -5.19
C PHE A 259 1.34 -1.40 -3.75
N VAL A 260 2.33 -1.93 -3.03
CA VAL A 260 2.15 -2.39 -1.65
C VAL A 260 2.86 -1.41 -0.73
N GLY A 261 2.11 -0.86 0.22
CA GLY A 261 2.67 0.03 1.23
C GLY A 261 2.78 -0.71 2.56
N VAL A 262 3.98 -0.73 3.11
CA VAL A 262 4.28 -1.46 4.33
C VAL A 262 4.58 -0.44 5.42
N LEU A 263 3.63 -0.24 6.33
CA LEU A 263 3.90 0.55 7.52
C LEU A 263 4.89 -0.22 8.38
N SER A 264 6.06 0.39 8.60
CA SER A 264 7.17 -0.24 9.30
C SER A 264 7.69 0.70 10.39
N ALA A 265 8.36 0.10 11.37
CA ALA A 265 8.95 0.82 12.50
C ALA A 265 10.46 0.72 12.38
N GLY A 266 11.12 1.87 12.27
CA GLY A 266 12.57 1.94 12.22
C GLY A 266 13.14 2.52 13.50
N ILE A 267 14.39 2.16 13.79
CA ILE A 267 15.09 2.58 14.99
C ILE A 267 16.05 3.71 14.61
N ASN A 268 15.95 4.83 15.32
CA ASN A 268 16.81 5.97 15.05
C ASN A 268 18.27 5.59 15.20
N ALA A 269 19.10 5.99 14.23
CA ALA A 269 20.52 5.69 14.29
C ALA A 269 21.21 6.40 15.45
N ALA A 270 20.63 7.51 15.93
CA ALA A 270 21.19 8.25 17.05
C ALA A 270 20.58 7.84 18.38
N SER A 271 20.00 6.64 18.45
CA SER A 271 19.35 6.17 19.67
C SER A 271 20.33 5.34 20.49
N PRO A 272 20.75 5.80 21.66
CA PRO A 272 21.56 4.95 22.55
C PRO A 272 20.80 3.81 23.20
N ASN A 273 19.49 3.68 22.93
CA ASN A 273 18.66 2.68 23.58
C ASN A 273 18.08 1.74 22.55
N LYS A 274 18.90 1.29 21.60
CA LYS A 274 18.41 0.48 20.50
C LYS A 274 17.97 -0.91 20.96
N GLU A 275 18.64 -1.46 21.97
CA GLU A 275 18.22 -2.77 22.50
C GLU A 275 16.82 -2.69 23.09
N LEU A 276 16.51 -1.60 23.79
CA LEU A 276 15.16 -1.44 24.34
C LEU A 276 14.14 -1.35 23.21
N ALA A 277 14.46 -0.63 22.14
CA ALA A 277 13.55 -0.54 21.00
C ALA A 277 13.33 -1.91 20.37
N LYS A 278 14.40 -2.69 20.21
CA LYS A 278 14.28 -4.03 19.66
C LYS A 278 13.38 -4.90 20.54
N GLU A 279 13.60 -4.84 21.85
CA GLU A 279 12.77 -5.62 22.77
C GLU A 279 11.31 -5.22 22.65
N PHE A 280 11.03 -3.92 22.69
CA PHE A 280 9.65 -3.44 22.64
C PHE A 280 8.98 -3.87 21.34
N LEU A 281 9.67 -3.74 20.21
CA LEU A 281 9.07 -4.05 18.93
C LEU A 281 8.86 -5.55 18.78
N GLU A 282 9.87 -6.37 19.09
CA GLU A 282 9.79 -7.79 18.84
C GLU A 282 8.87 -8.50 19.83
N ASN A 283 8.97 -8.19 21.12
CA ASN A 283 8.32 -8.98 22.15
C ASN A 283 7.02 -8.38 22.66
N TYR A 284 6.74 -7.11 22.38
CA TYR A 284 5.57 -6.44 22.93
C TYR A 284 4.61 -5.96 21.86
N LEU A 285 5.12 -5.27 20.82
CA LEU A 285 4.23 -4.77 19.78
C LEU A 285 3.91 -5.86 18.77
N LEU A 286 4.94 -6.48 18.19
CA LEU A 286 4.74 -7.51 17.16
C LEU A 286 4.32 -8.83 17.81
N THR A 287 3.17 -8.78 18.46
CA THR A 287 2.51 -9.95 19.02
C THR A 287 1.01 -9.80 18.79
N ASP A 288 0.25 -10.85 19.11
CA ASP A 288 -1.19 -10.76 18.98
C ASP A 288 -1.76 -9.66 19.86
N GLU A 289 -1.30 -9.58 21.11
CA GLU A 289 -1.87 -8.63 22.05
C GLU A 289 -1.56 -7.18 21.66
N GLY A 290 -0.29 -6.90 21.33
CA GLY A 290 0.07 -5.53 20.99
C GLY A 290 -0.59 -5.06 19.70
N LEU A 291 -0.57 -5.90 18.67
CA LEU A 291 -1.22 -5.55 17.43
C LEU A 291 -2.73 -5.39 17.62
N GLU A 292 -3.34 -6.25 18.44
CA GLU A 292 -4.76 -6.09 18.74
C GLU A 292 -5.03 -4.77 19.45
N ALA A 293 -4.16 -4.39 20.39
CA ALA A 293 -4.34 -3.13 21.10
C ALA A 293 -4.26 -1.95 20.15
N VAL A 294 -3.29 -1.96 19.24
CA VAL A 294 -3.17 -0.88 18.26
C VAL A 294 -4.36 -0.89 17.32
N ASN A 295 -4.83 -2.09 16.94
CA ASN A 295 -5.94 -2.23 16.02
C ASN A 295 -7.23 -1.68 16.60
N LYS A 296 -7.49 -1.94 17.88
CA LYS A 296 -8.73 -1.49 18.50
C LYS A 296 -8.88 0.03 18.44
N ASP A 297 -7.78 0.77 18.56
CA ASP A 297 -7.85 2.22 18.45
C ASP A 297 -8.21 2.66 17.04
N LYS A 298 -7.34 2.35 16.08
CA LYS A 298 -7.63 2.60 14.67
C LYS A 298 -7.18 1.39 13.85
N PRO A 299 -8.03 0.87 12.96
CA PRO A 299 -7.69 -0.39 12.27
C PRO A 299 -6.39 -0.28 11.49
N LEU A 300 -5.60 -1.34 11.55
CA LEU A 300 -4.37 -1.46 10.77
C LEU A 300 -4.59 -2.12 9.42
N GLY A 301 -5.80 -2.58 9.13
CA GLY A 301 -6.02 -3.39 7.94
C GLY A 301 -5.33 -4.74 8.07
N ALA A 302 -4.54 -5.09 7.07
CA ALA A 302 -3.76 -6.32 7.13
C ALA A 302 -2.43 -6.07 7.81
N VAL A 303 -1.94 -7.08 8.54
CA VAL A 303 -0.72 -6.98 9.32
C VAL A 303 0.30 -7.99 8.81
N ALA A 304 1.58 -7.67 9.03
CA ALA A 304 2.67 -8.55 8.60
C ALA A 304 2.81 -9.77 9.49
N LEU A 305 2.51 -9.65 10.78
CA LEU A 305 2.60 -10.79 11.70
C LEU A 305 1.61 -11.86 11.24
N LYS A 306 2.11 -13.08 11.04
CA LYS A 306 1.26 -14.16 10.55
C LYS A 306 0.15 -14.47 11.56
N SER A 307 0.51 -14.60 12.84
CA SER A 307 -0.44 -15.11 13.82
C SER A 307 -1.66 -14.22 13.93
N TYR A 308 -1.46 -12.90 14.03
CA TYR A 308 -2.58 -11.98 14.10
C TYR A 308 -3.22 -11.78 12.73
N GLU A 309 -2.46 -11.97 11.66
CA GLU A 309 -3.04 -11.85 10.32
C GLU A 309 -4.10 -12.92 10.09
N GLU A 310 -3.87 -14.15 10.57
CA GLU A 310 -4.90 -15.18 10.43
C GLU A 310 -6.19 -14.76 11.14
N GLU A 311 -6.08 -14.21 12.34
CA GLU A 311 -7.28 -13.77 13.06
C GLU A 311 -7.97 -12.65 12.31
N LEU A 312 -7.20 -11.68 11.79
CA LEU A 312 -7.81 -10.55 11.11
C LEU A 312 -8.45 -10.97 9.79
N ALA A 313 -7.89 -11.97 9.11
CA ALA A 313 -8.40 -12.40 7.82
C ALA A 313 -9.78 -13.03 7.88
N LYS A 314 -10.28 -13.34 9.08
CA LYS A 314 -11.63 -13.87 9.19
C LYS A 314 -12.66 -12.93 8.56
N ASP A 315 -12.40 -11.63 8.59
CA ASP A 315 -13.21 -10.69 7.82
C ASP A 315 -12.71 -10.70 6.38
N PRO A 316 -13.55 -10.98 5.38
CA PRO A 316 -13.04 -11.14 4.02
C PRO A 316 -12.31 -9.92 3.48
N ARG A 317 -12.61 -8.73 3.99
CA ARG A 317 -12.01 -7.51 3.46
C ARG A 317 -10.49 -7.48 3.70
N ILE A 318 -10.06 -7.76 4.93
CA ILE A 318 -8.62 -7.79 5.20
C ILE A 318 -7.97 -8.94 4.48
N ALA A 319 -8.66 -10.08 4.34
CA ALA A 319 -8.10 -11.20 3.59
C ALA A 319 -7.85 -10.81 2.14
N ALA A 320 -8.81 -10.13 1.51
CA ALA A 320 -8.61 -9.67 0.15
C ALA A 320 -7.47 -8.66 0.07
N THR A 321 -7.39 -7.75 1.05
CA THR A 321 -6.29 -6.79 1.06
C THR A 321 -4.94 -7.50 1.11
N MET A 322 -4.79 -8.47 2.00
CA MET A 322 -3.53 -9.20 2.10
C MET A 322 -3.24 -9.98 0.82
N GLU A 323 -4.25 -10.63 0.24
CA GLU A 323 -4.00 -11.42 -0.97
C GLU A 323 -3.56 -10.51 -2.11
N ASN A 324 -4.18 -9.32 -2.23
CA ASN A 324 -3.75 -8.38 -3.25
C ASN A 324 -2.33 -7.88 -2.98
N ALA A 325 -2.01 -7.61 -1.71
CA ALA A 325 -0.67 -7.14 -1.37
C ALA A 325 0.39 -8.17 -1.72
N GLN A 326 0.11 -9.45 -1.42
CA GLN A 326 1.08 -10.50 -1.73
C GLN A 326 1.32 -10.60 -3.23
N LYS A 327 0.28 -10.44 -4.04
CA LYS A 327 0.41 -10.47 -5.49
C LYS A 327 0.86 -9.14 -6.07
N GLY A 328 0.94 -8.09 -5.26
CA GLY A 328 1.29 -6.77 -5.74
C GLY A 328 2.79 -6.56 -5.83
N GLU A 329 3.15 -5.33 -6.21
CA GLU A 329 4.54 -4.93 -6.32
C GLU A 329 4.89 -4.06 -5.12
N ILE A 330 5.95 -4.43 -4.40
CA ILE A 330 6.38 -3.65 -3.25
C ILE A 330 6.81 -2.28 -3.72
N MET A 331 6.34 -1.25 -3.02
CA MET A 331 6.70 0.12 -3.36
C MET A 331 8.21 0.31 -3.22
N PRO A 332 8.93 0.66 -4.29
CA PRO A 332 10.37 0.88 -4.16
C PRO A 332 10.67 2.01 -3.19
N ASN A 333 11.77 1.86 -2.46
CA ASN A 333 12.19 2.83 -1.43
C ASN A 333 13.35 3.69 -1.92
N ILE A 334 13.36 4.06 -3.20
CA ILE A 334 14.43 4.87 -3.78
C ILE A 334 13.85 6.18 -4.25
N PRO A 335 14.63 7.28 -4.26
CA PRO A 335 14.09 8.56 -4.71
C PRO A 335 13.66 8.56 -6.17
N GLN A 336 14.24 7.71 -7.02
CA GLN A 336 13.92 7.73 -8.44
C GLN A 336 12.44 7.51 -8.70
N MET A 337 11.72 6.86 -7.78
CA MET A 337 10.29 6.65 -7.98
C MET A 337 9.57 7.99 -8.23
N SER A 338 10.07 9.07 -7.64
CA SER A 338 9.50 10.38 -7.93
C SER A 338 9.37 10.59 -9.44
N ALA A 339 10.50 10.47 -10.16
CA ALA A 339 10.44 10.59 -11.61
C ALA A 339 9.42 9.63 -12.20
N PHE A 340 9.42 8.38 -11.74
CA PHE A 340 8.43 7.41 -12.22
C PHE A 340 7.03 7.99 -12.09
N TRP A 341 6.69 8.52 -10.91
CA TRP A 341 5.36 9.09 -10.73
C TRP A 341 5.09 10.20 -11.72
N TYR A 342 6.10 11.04 -11.99
CA TYR A 342 5.91 12.12 -12.95
C TYR A 342 5.83 11.59 -14.37
N ALA A 343 6.49 10.45 -14.65
CA ALA A 343 6.54 9.96 -16.02
C ALA A 343 5.26 9.26 -16.41
N VAL A 344 4.95 8.14 -15.75
CA VAL A 344 3.81 7.33 -16.16
C VAL A 344 2.53 8.17 -16.15
N ARG A 345 2.37 9.01 -15.13
CA ARG A 345 1.23 9.92 -15.10
C ARG A 345 1.02 10.58 -16.46
N THR A 346 2.03 11.28 -16.95
CA THR A 346 1.91 11.94 -18.24
C THR A 346 1.43 10.95 -19.30
N ALA A 347 2.06 9.77 -19.35
CA ALA A 347 1.65 8.76 -20.32
C ALA A 347 0.16 8.44 -20.20
N VAL A 348 -0.30 8.17 -18.99
CA VAL A 348 -1.72 7.86 -18.81
C VAL A 348 -2.57 9.05 -19.22
N ILE A 349 -2.10 10.27 -18.96
CA ILE A 349 -2.83 11.43 -19.42
C ILE A 349 -2.85 11.48 -20.95
N ASN A 350 -1.71 11.15 -21.57
CA ASN A 350 -1.60 11.30 -23.02
C ASN A 350 -2.22 10.10 -23.75
N ALA A 351 -1.93 8.89 -23.27
CA ALA A 351 -2.49 7.70 -23.93
C ALA A 351 -4.01 7.69 -23.82
N ALA A 352 -4.54 8.01 -22.63
CA ALA A 352 -5.98 8.01 -22.45
C ALA A 352 -6.65 9.10 -23.30
N SER A 353 -6.01 10.26 -23.42
CA SER A 353 -6.57 11.36 -24.19
C SER A 353 -6.60 11.09 -25.69
N GLY A 354 -5.95 10.02 -26.16
CA GLY A 354 -5.90 9.74 -27.57
C GLY A 354 -4.92 10.60 -28.34
N ARG A 355 -4.13 11.43 -27.64
CA ARG A 355 -3.15 12.28 -28.30
C ARG A 355 -1.84 11.55 -28.58
N GLN A 356 -1.49 10.58 -27.74
CA GLN A 356 -0.25 9.82 -27.90
C GLN A 356 -0.57 8.33 -27.90
N THR A 357 0.19 7.59 -28.69
CA THR A 357 0.06 6.15 -28.73
C THR A 357 0.63 5.53 -27.45
N VAL A 358 0.21 4.30 -27.16
CA VAL A 358 0.75 3.59 -26.01
C VAL A 358 2.26 3.42 -26.15
N ASP A 359 2.71 3.02 -27.33
CA ASP A 359 4.13 2.90 -27.60
C ASP A 359 4.83 4.21 -27.30
N GLU A 360 4.34 5.29 -27.91
CA GLU A 360 4.95 6.60 -27.76
C GLU A 360 5.00 7.02 -26.30
N ALA A 361 3.84 6.98 -25.64
CA ALA A 361 3.74 7.45 -24.27
C ALA A 361 4.62 6.65 -23.32
N LEU A 362 4.60 5.33 -23.44
CA LEU A 362 5.37 4.50 -22.52
C LEU A 362 6.87 4.61 -22.79
N LYS A 363 7.27 4.78 -24.05
CA LYS A 363 8.68 4.97 -24.34
C LYS A 363 9.17 6.31 -23.83
N ASP A 364 8.33 7.35 -23.94
CA ASP A 364 8.68 8.65 -23.41
C ASP A 364 8.77 8.63 -21.88
N ALA A 365 7.87 7.90 -21.22
CA ALA A 365 7.92 7.75 -19.77
C ALA A 365 9.04 6.81 -19.33
N GLN A 366 9.58 6.01 -20.24
CA GLN A 366 10.70 5.15 -19.90
C GLN A 366 11.91 5.96 -19.46
N THR A 367 12.19 7.06 -20.15
CA THR A 367 13.34 7.89 -19.83
C THR A 367 12.93 9.08 -18.97
#